data_7L83
#
_entry.id   7L83
#
_entity_poly.entity_id   1
_entity_poly.type   'polypeptide(L)'
_entity_poly.pdbx_seq_one_letter_code
;VVVILSIVGTVLSDIIQKYFFSPTLFRVIRLARIGRI
;
_entity_poly.pdbx_strand_id   A
#
# COMPACT_ATOMS: atom_id res chain seq x y z
N VAL A 1 -0.20 9.91 -12.63
CA VAL A 1 -1.00 10.86 -11.81
C VAL A 1 -1.64 10.09 -10.65
N VAL A 2 -2.42 10.77 -9.81
CA VAL A 2 -3.03 10.16 -8.63
C VAL A 2 -3.78 8.87 -8.96
N VAL A 3 -4.40 8.81 -10.13
CA VAL A 3 -5.15 7.61 -10.55
C VAL A 3 -4.26 6.38 -10.54
N ILE A 4 -3.13 6.46 -11.24
CA ILE A 4 -2.18 5.35 -11.31
C ILE A 4 -1.72 4.96 -9.91
N LEU A 5 -1.40 5.96 -9.09
CA LEU A 5 -0.87 5.71 -7.75
C LEU A 5 -1.90 5.05 -6.85
N SER A 6 -3.18 5.30 -7.12
CA SER A 6 -4.25 4.64 -6.38
C SER A 6 -4.16 3.14 -6.60
N ILE A 7 -3.93 2.74 -7.84
CA ILE A 7 -3.75 1.35 -8.18
C ILE A 7 -2.41 0.85 -7.67
N VAL A 8 -1.38 1.70 -7.79
CA VAL A 8 -0.05 1.37 -7.29
C VAL A 8 -0.10 1.00 -5.81
N GLY A 9 -0.75 1.84 -5.03
CA GLY A 9 -0.87 1.57 -3.60
C GLY A 9 -1.61 0.29 -3.31
N THR A 10 -2.44 -0.14 -4.27
CA THR A 10 -3.22 -1.36 -4.10
C THR A 10 -2.40 -2.59 -4.49
N VAL A 11 -1.73 -2.51 -5.62
CA VAL A 11 -0.98 -3.63 -6.15
C VAL A 11 0.28 -3.91 -5.34
N LEU A 12 1.04 -2.87 -4.97
CA LEU A 12 2.16 -3.02 -4.07
C LEU A 12 1.73 -3.67 -2.76
N SER A 13 0.52 -3.35 -2.31
CA SER A 13 -0.02 -3.93 -1.09
C SER A 13 -0.25 -5.42 -1.28
N ASP A 14 -0.61 -5.82 -2.50
CA ASP A 14 -0.77 -7.24 -2.83
C ASP A 14 0.58 -7.94 -2.77
N ILE A 15 1.60 -7.24 -3.28
CA ILE A 15 2.97 -7.69 -3.16
C ILE A 15 3.35 -7.87 -1.70
N ILE A 16 2.95 -6.92 -0.87
CA ILE A 16 3.23 -6.95 0.56
C ILE A 16 2.60 -8.16 1.22
N GLN A 17 1.34 -8.37 0.92
CA GLN A 17 0.55 -9.39 1.56
C GLN A 17 1.07 -10.79 1.22
N LYS A 18 1.62 -10.94 0.03
CA LYS A 18 2.15 -12.23 -0.41
C LYS A 18 3.63 -12.37 -0.10
N TYR A 19 4.43 -11.38 -0.46
CA TYR A 19 5.88 -11.52 -0.49
C TYR A 19 6.61 -10.46 0.34
N PHE A 20 6.17 -9.22 0.23
CA PHE A 20 6.85 -8.09 0.88
C PHE A 20 6.38 -7.93 2.32
N PHE A 21 5.93 -9.03 2.93
CA PHE A 21 5.28 -9.02 4.24
C PHE A 21 6.25 -8.72 5.40
N SER A 22 7.02 -7.65 5.26
CA SER A 22 7.79 -7.13 6.37
C SER A 22 6.91 -6.13 7.13
N PRO A 23 6.98 -6.15 8.47
CA PRO A 23 6.17 -5.26 9.33
C PRO A 23 6.40 -3.78 9.04
N THR A 24 7.49 -3.46 8.35
CA THR A 24 7.84 -2.08 8.08
C THR A 24 6.93 -1.46 7.01
N LEU A 25 6.34 -2.30 6.15
CA LEU A 25 5.47 -1.78 5.09
C LEU A 25 4.10 -1.48 5.65
N PHE A 26 3.78 -2.14 6.74
CA PHE A 26 2.50 -1.97 7.37
C PHE A 26 2.35 -0.55 7.90
N ARG A 27 3.48 0.06 8.23
CA ARG A 27 3.54 1.49 8.49
C ARG A 27 2.89 2.26 7.36
N VAL A 28 3.52 2.16 6.21
CA VAL A 28 3.06 2.75 4.97
C VAL A 28 1.63 2.30 4.62
N ILE A 29 1.24 1.10 5.03
CA ILE A 29 -0.07 0.58 4.74
C ILE A 29 -1.10 1.26 5.62
N ARG A 30 -0.72 1.53 6.86
CA ARG A 30 -1.59 2.25 7.76
C ARG A 30 -1.86 3.65 7.22
N LEU A 31 -0.91 4.15 6.44
CA LEU A 31 -1.02 5.42 5.78
C LEU A 31 -1.73 5.27 4.45
N ALA A 32 -1.75 4.04 3.95
CA ALA A 32 -2.26 3.73 2.63
C ALA A 32 -3.76 3.46 2.63
N ARG A 33 -4.22 2.75 3.66
CA ARG A 33 -5.63 2.40 3.77
C ARG A 33 -6.49 3.65 3.89
N ILE A 34 -5.96 4.66 4.57
CA ILE A 34 -6.64 5.90 4.80
C ILE A 34 -6.87 6.64 3.48
N GLY A 35 -7.99 7.36 3.40
CA GLY A 35 -8.29 8.15 2.22
C GLY A 35 -7.38 9.34 2.07
N ARG A 36 -6.16 9.09 1.63
CA ARG A 36 -5.13 10.12 1.51
C ARG A 36 -5.24 10.83 0.16
N ILE A 37 -6.46 11.18 -0.22
CA ILE A 37 -6.71 11.86 -1.47
C ILE A 37 -7.25 13.26 -1.21
N VAL A 1 -6.03 10.96 -13.94
CA VAL A 1 -4.98 11.40 -13.00
C VAL A 1 -5.23 10.80 -11.62
N VAL A 2 -4.15 10.58 -10.86
CA VAL A 2 -4.24 10.11 -9.46
C VAL A 2 -4.59 8.63 -9.38
N VAL A 3 -5.74 8.25 -9.94
CA VAL A 3 -6.28 6.91 -9.80
C VAL A 3 -5.27 5.83 -10.22
N ILE A 4 -4.53 6.09 -11.28
CA ILE A 4 -3.49 5.15 -11.73
C ILE A 4 -2.56 4.78 -10.59
N LEU A 5 -2.03 5.80 -9.91
CA LEU A 5 -1.08 5.59 -8.83
C LEU A 5 -1.78 5.08 -7.57
N SER A 6 -3.04 5.44 -7.41
CA SER A 6 -3.83 4.91 -6.33
C SER A 6 -3.94 3.39 -6.48
N ILE A 7 -4.20 2.96 -7.71
CA ILE A 7 -4.26 1.55 -8.02
C ILE A 7 -2.88 0.92 -7.92
N VAL A 8 -1.85 1.68 -8.29
CA VAL A 8 -0.48 1.24 -8.14
C VAL A 8 -0.19 0.88 -6.69
N GLY A 9 -0.52 1.79 -5.78
CA GLY A 9 -0.36 1.53 -4.37
C GLY A 9 -1.19 0.33 -3.93
N THR A 10 -2.32 0.13 -4.60
CA THR A 10 -3.23 -0.94 -4.24
C THR A 10 -2.70 -2.31 -4.69
N VAL A 11 -1.99 -2.33 -5.80
CA VAL A 11 -1.43 -3.58 -6.30
C VAL A 11 -0.10 -3.90 -5.64
N LEU A 12 0.81 -2.91 -5.54
CA LEU A 12 2.06 -3.08 -4.83
C LEU A 12 1.87 -3.52 -3.39
N SER A 13 0.84 -3.01 -2.73
CA SER A 13 0.56 -3.39 -1.35
C SER A 13 0.13 -4.85 -1.25
N ASP A 14 -0.50 -5.35 -2.32
CA ASP A 14 -0.89 -6.75 -2.37
C ASP A 14 0.34 -7.62 -2.57
N ILE A 15 1.27 -7.13 -3.39
CA ILE A 15 2.57 -7.75 -3.54
C ILE A 15 3.27 -7.82 -2.19
N ILE A 16 3.24 -6.70 -1.48
CA ILE A 16 3.79 -6.62 -0.15
C ILE A 16 3.14 -7.63 0.78
N GLN A 17 1.83 -7.62 0.80
CA GLN A 17 1.02 -8.54 1.57
C GLN A 17 1.53 -9.97 1.46
N LYS A 18 1.81 -10.35 0.22
CA LYS A 18 2.28 -11.69 -0.08
C LYS A 18 3.76 -11.86 0.25
N TYR A 19 4.60 -11.00 -0.32
CA TYR A 19 6.04 -11.22 -0.31
C TYR A 19 6.78 -10.39 0.74
N PHE A 20 6.41 -9.12 0.87
CA PHE A 20 7.17 -8.17 1.66
C PHE A 20 6.47 -7.80 2.97
N PHE A 21 5.59 -8.68 3.44
CA PHE A 21 4.73 -8.40 4.58
C PHE A 21 5.51 -8.37 5.90
N SER A 22 6.34 -7.36 6.06
CA SER A 22 6.95 -7.06 7.35
C SER A 22 6.02 -6.12 8.12
N PRO A 23 5.85 -6.33 9.43
CA PRO A 23 4.99 -5.47 10.26
C PRO A 23 5.40 -4.00 10.20
N THR A 24 6.70 -3.74 10.34
CA THR A 24 7.23 -2.38 10.32
C THR A 24 7.05 -1.75 8.93
N LEU A 25 6.93 -2.60 7.93
CA LEU A 25 6.73 -2.16 6.56
C LEU A 25 5.24 -1.97 6.30
N PHE A 26 4.45 -2.89 6.81
CA PHE A 26 3.01 -2.83 6.67
C PHE A 26 2.48 -1.61 7.40
N ARG A 27 3.21 -1.18 8.43
CA ARG A 27 2.98 0.08 9.08
C ARG A 27 2.92 1.23 8.09
N VAL A 28 3.94 1.33 7.25
CA VAL A 28 3.99 2.31 6.19
C VAL A 28 2.78 2.21 5.26
N ILE A 29 2.26 0.99 5.10
CA ILE A 29 1.06 0.76 4.33
C ILE A 29 -0.15 1.23 5.10
N ARG A 30 -0.08 1.05 6.41
CA ARG A 30 -1.14 1.50 7.30
C ARG A 30 -1.24 3.02 7.23
N LEU A 31 -0.13 3.66 6.89
CA LEU A 31 -0.06 5.08 6.70
C LEU A 31 -0.48 5.41 5.27
N ALA A 32 -0.07 4.54 4.36
CA ALA A 32 -0.35 4.67 2.94
C ALA A 32 -1.85 4.67 2.65
N ARG A 33 -2.57 3.77 3.32
CA ARG A 33 -4.01 3.68 3.16
C ARG A 33 -4.75 4.92 3.66
N ILE A 34 -4.07 5.75 4.46
CA ILE A 34 -4.65 6.98 4.95
C ILE A 34 -4.68 8.04 3.85
N GLY A 35 -5.64 7.90 2.95
CA GLY A 35 -5.77 8.85 1.87
C GLY A 35 -4.71 8.67 0.81
N ARG A 36 -3.69 9.53 0.85
CA ARG A 36 -2.60 9.51 -0.12
C ARG A 36 -3.15 9.59 -1.54
N ILE A 37 -4.16 10.43 -1.71
CA ILE A 37 -4.81 10.58 -3.01
C ILE A 37 -4.04 11.57 -3.87
N VAL A 1 0.02 6.92 -15.34
CA VAL A 1 -0.05 8.38 -15.55
C VAL A 1 -0.93 9.03 -14.50
N VAL A 2 -0.32 9.43 -13.38
CA VAL A 2 -1.03 10.14 -12.29
C VAL A 2 -2.03 9.23 -11.58
N VAL A 3 -3.17 8.99 -12.22
CA VAL A 3 -4.27 8.24 -11.61
C VAL A 3 -3.86 6.82 -11.26
N ILE A 4 -3.06 6.21 -12.13
CA ILE A 4 -2.64 4.82 -11.97
C ILE A 4 -1.97 4.59 -10.60
N LEU A 5 -1.42 5.66 -10.02
CA LEU A 5 -0.69 5.55 -8.76
C LEU A 5 -1.61 5.16 -7.61
N SER A 6 -2.90 5.51 -7.71
CA SER A 6 -3.87 5.11 -6.70
C SER A 6 -4.07 3.60 -6.76
N ILE A 7 -3.90 3.04 -7.95
CA ILE A 7 -3.95 1.61 -8.16
C ILE A 7 -2.62 0.99 -7.76
N VAL A 8 -1.53 1.69 -8.06
CA VAL A 8 -0.19 1.26 -7.71
C VAL A 8 -0.08 0.99 -6.21
N GLY A 9 -0.54 1.95 -5.41
CA GLY A 9 -0.52 1.79 -3.97
C GLY A 9 -1.30 0.56 -3.52
N THR A 10 -2.30 0.20 -4.30
CA THR A 10 -3.14 -0.95 -3.97
C THR A 10 -2.46 -2.26 -4.33
N VAL A 11 -1.95 -2.34 -5.55
CA VAL A 11 -1.36 -3.57 -6.04
C VAL A 11 -0.04 -3.91 -5.35
N LEU A 12 0.81 -2.90 -5.14
CA LEU A 12 2.02 -3.07 -4.37
C LEU A 12 1.71 -3.59 -2.96
N SER A 13 0.56 -3.20 -2.43
CA SER A 13 0.14 -3.63 -1.10
C SER A 13 -0.20 -5.13 -1.12
N ASP A 14 -0.65 -5.62 -2.27
CA ASP A 14 -0.91 -7.04 -2.42
C ASP A 14 0.40 -7.80 -2.47
N ILE A 15 1.40 -7.21 -3.12
CA ILE A 15 2.74 -7.73 -3.12
C ILE A 15 3.27 -7.84 -1.69
N ILE A 16 2.93 -6.84 -0.88
CA ILE A 16 3.32 -6.83 0.51
C ILE A 16 2.64 -7.94 1.29
N GLN A 17 1.39 -8.18 0.97
CA GLN A 17 0.59 -9.17 1.66
C GLN A 17 1.12 -10.58 1.39
N LYS A 18 1.56 -10.82 0.17
CA LYS A 18 2.00 -12.15 -0.21
C LYS A 18 3.52 -12.34 -0.01
N TYR A 19 4.31 -11.44 -0.57
CA TYR A 19 5.76 -11.64 -0.62
C TYR A 19 6.52 -10.68 0.29
N PHE A 20 6.15 -9.41 0.28
CA PHE A 20 6.95 -8.36 0.90
C PHE A 20 6.50 -8.06 2.32
N PHE A 21 5.91 -9.05 2.98
CA PHE A 21 5.33 -8.91 4.32
C PHE A 21 6.38 -8.59 5.40
N SER A 22 7.15 -7.55 5.18
CA SER A 22 8.03 -7.01 6.19
C SER A 22 7.26 -5.98 7.03
N PRO A 23 7.45 -5.99 8.35
CA PRO A 23 6.72 -5.10 9.29
C PRO A 23 6.87 -3.61 8.94
N THR A 24 7.91 -3.27 8.20
CA THR A 24 8.19 -1.88 7.88
C THR A 24 7.17 -1.28 6.92
N LEU A 25 6.55 -2.09 6.08
CA LEU A 25 5.57 -1.58 5.12
C LEU A 25 4.25 -1.33 5.80
N PHE A 26 4.01 -2.09 6.86
CA PHE A 26 2.77 -2.03 7.57
C PHE A 26 2.59 -0.69 8.24
N ARG A 27 3.70 0.01 8.41
CA ARG A 27 3.67 1.42 8.76
C ARG A 27 2.78 2.18 7.79
N VAL A 28 3.20 2.16 6.54
CA VAL A 28 2.50 2.82 5.47
C VAL A 28 1.12 2.20 5.21
N ILE A 29 1.00 0.89 5.39
CA ILE A 29 -0.25 0.19 5.16
C ILE A 29 -1.26 0.58 6.23
N ARG A 30 -0.74 0.78 7.43
CA ARG A 30 -1.56 1.20 8.55
C ARG A 30 -2.16 2.56 8.25
N LEU A 31 -1.40 3.36 7.51
CA LEU A 31 -1.81 4.68 7.12
C LEU A 31 -2.73 4.59 5.91
N ALA A 32 -2.37 3.69 5.03
CA ALA A 32 -3.10 3.43 3.80
C ALA A 32 -4.53 2.99 4.07
N ARG A 33 -4.68 1.97 4.90
CA ARG A 33 -5.99 1.45 5.27
C ARG A 33 -6.86 2.51 5.96
N ILE A 34 -6.22 3.43 6.68
CA ILE A 34 -6.93 4.53 7.28
C ILE A 34 -7.45 5.49 6.21
N GLY A 35 -6.63 5.80 5.23
CA GLY A 35 -7.03 6.68 4.16
C GLY A 35 -7.15 8.12 4.63
N ARG A 36 -6.02 8.83 4.58
CA ARG A 36 -5.98 10.21 5.02
C ARG A 36 -5.88 11.14 3.82
N ILE A 37 -7.02 11.49 3.25
CA ILE A 37 -7.06 12.37 2.09
C ILE A 37 -7.12 13.83 2.53
N VAL A 1 -2.67 14.47 -8.63
CA VAL A 1 -2.46 13.07 -8.19
C VAL A 1 -2.67 12.14 -9.38
N VAL A 2 -1.70 11.26 -9.60
CA VAL A 2 -1.77 10.32 -10.70
C VAL A 2 -2.59 9.11 -10.30
N VAL A 3 -3.81 9.03 -10.87
CA VAL A 3 -4.79 8.02 -10.47
C VAL A 3 -4.29 6.59 -10.68
N ILE A 4 -3.58 6.36 -11.77
CA ILE A 4 -3.07 5.03 -12.06
C ILE A 4 -2.04 4.61 -10.99
N LEU A 5 -1.31 5.58 -10.46
CA LEU A 5 -0.33 5.29 -9.41
C LEU A 5 -1.03 5.11 -8.07
N SER A 6 -2.22 5.67 -7.94
CA SER A 6 -3.06 5.42 -6.78
C SER A 6 -3.52 3.97 -6.80
N ILE A 7 -3.80 3.47 -8.00
CA ILE A 7 -4.12 2.08 -8.20
C ILE A 7 -2.88 1.22 -7.92
N VAL A 8 -1.72 1.72 -8.34
CA VAL A 8 -0.46 1.07 -8.09
C VAL A 8 -0.26 0.86 -6.59
N GLY A 9 -0.54 1.88 -5.80
CA GLY A 9 -0.41 1.78 -4.36
C GLY A 9 -1.34 0.72 -3.78
N THR A 10 -2.41 0.42 -4.50
CA THR A 10 -3.38 -0.57 -4.05
C THR A 10 -2.92 -1.98 -4.42
N VAL A 11 -2.49 -2.17 -5.65
CA VAL A 11 -2.11 -3.48 -6.13
C VAL A 11 -0.79 -3.97 -5.53
N LEU A 12 0.19 -3.06 -5.39
CA LEU A 12 1.41 -3.37 -4.69
C LEU A 12 1.16 -3.83 -3.27
N SER A 13 0.10 -3.30 -2.65
CA SER A 13 -0.26 -3.70 -1.29
C SER A 13 -0.58 -5.20 -1.23
N ASP A 14 -1.16 -5.71 -2.30
CA ASP A 14 -1.44 -7.14 -2.41
C ASP A 14 -0.15 -7.94 -2.56
N ILE A 15 0.80 -7.36 -3.28
CA ILE A 15 2.12 -7.93 -3.40
C ILE A 15 2.83 -7.94 -2.05
N ILE A 16 2.69 -6.83 -1.33
CA ILE A 16 3.32 -6.64 -0.05
C ILE A 16 2.90 -7.68 0.96
N GLN A 17 1.60 -7.85 1.10
CA GLN A 17 1.05 -8.75 2.08
C GLN A 17 1.58 -10.17 1.94
N LYS A 18 2.02 -10.51 0.73
CA LYS A 18 2.60 -11.82 0.49
C LYS A 18 4.12 -11.78 0.66
N TYR A 19 4.78 -10.92 -0.13
CA TYR A 19 6.23 -10.97 -0.24
C TYR A 19 6.93 -9.92 0.64
N PHE A 20 6.40 -8.71 0.65
CA PHE A 20 7.08 -7.58 1.25
C PHE A 20 6.52 -7.26 2.64
N PHE A 21 5.92 -8.27 3.25
CA PHE A 21 5.23 -8.12 4.52
C PHE A 21 6.21 -8.00 5.70
N SER A 22 7.04 -6.98 5.68
CA SER A 22 7.86 -6.67 6.84
C SER A 22 7.09 -5.74 7.77
N PRO A 23 7.07 -5.97 9.09
CA PRO A 23 6.21 -5.24 10.02
C PRO A 23 6.32 -3.72 9.86
N THR A 24 7.56 -3.26 9.74
CA THR A 24 7.84 -1.84 9.62
C THR A 24 7.26 -1.27 8.31
N LEU A 25 7.27 -2.07 7.26
CA LEU A 25 6.73 -1.65 5.97
C LEU A 25 5.22 -1.73 6.02
N PHE A 26 4.71 -2.76 6.67
CA PHE A 26 3.28 -2.93 6.81
C PHE A 26 2.69 -1.80 7.64
N ARG A 27 3.55 -1.10 8.38
CA ARG A 27 3.16 0.08 9.11
C ARG A 27 2.75 1.20 8.13
N VAL A 28 3.50 1.31 7.04
CA VAL A 28 3.16 2.22 5.97
C VAL A 28 1.85 1.80 5.31
N ILE A 29 1.56 0.50 5.31
CA ILE A 29 0.33 -0.01 4.78
C ILE A 29 -0.80 0.31 5.74
N ARG A 30 -0.48 0.29 7.03
CA ARG A 30 -1.42 0.70 8.05
C ARG A 30 -1.86 2.15 7.82
N LEU A 31 -0.97 2.92 7.23
CA LEU A 31 -1.21 4.30 6.88
C LEU A 31 -1.86 4.39 5.51
N ALA A 32 -1.68 3.34 4.73
CA ALA A 32 -2.08 3.32 3.33
C ALA A 32 -3.53 2.86 3.16
N ARG A 33 -3.88 1.73 3.77
CA ARG A 33 -5.17 1.11 3.59
C ARG A 33 -6.31 2.00 4.08
N ILE A 34 -5.97 3.00 4.88
CA ILE A 34 -6.95 3.94 5.39
C ILE A 34 -7.68 4.63 4.25
N GLY A 35 -6.93 5.04 3.24
CA GLY A 35 -7.52 5.71 2.10
C GLY A 35 -7.83 7.16 2.37
N ARG A 36 -8.59 7.38 3.45
CA ARG A 36 -9.03 8.71 3.84
C ARG A 36 -9.85 9.33 2.73
N ILE A 37 -11.05 8.82 2.55
CA ILE A 37 -11.92 9.24 1.48
C ILE A 37 -13.10 10.05 2.01
N VAL A 1 -3.96 14.38 -11.59
CA VAL A 1 -4.77 13.22 -11.17
C VAL A 1 -3.86 12.01 -10.96
N VAL A 2 -4.05 11.30 -9.85
CA VAL A 2 -3.16 10.21 -9.48
C VAL A 2 -3.86 8.86 -9.48
N VAL A 3 -4.58 8.56 -10.56
CA VAL A 3 -5.26 7.28 -10.69
C VAL A 3 -4.26 6.12 -10.66
N ILE A 4 -3.15 6.29 -11.36
CA ILE A 4 -2.13 5.26 -11.40
C ILE A 4 -1.62 4.95 -10.00
N LEU A 5 -1.26 6.00 -9.26
CA LEU A 5 -0.76 5.83 -7.90
C LEU A 5 -1.84 5.29 -6.97
N SER A 6 -3.08 5.63 -7.26
CA SER A 6 -4.21 5.11 -6.51
C SER A 6 -4.23 3.58 -6.63
N ILE A 7 -3.93 3.09 -7.83
CA ILE A 7 -3.84 1.67 -8.06
C ILE A 7 -2.54 1.10 -7.49
N VAL A 8 -1.48 1.91 -7.54
CA VAL A 8 -0.18 1.51 -7.02
C VAL A 8 -0.28 1.08 -5.57
N GLY A 9 -0.94 1.89 -4.75
CA GLY A 9 -1.09 1.56 -3.34
C GLY A 9 -1.84 0.26 -3.13
N THR A 10 -2.64 -0.13 -4.11
CA THR A 10 -3.40 -1.36 -4.02
C THR A 10 -2.56 -2.55 -4.47
N VAL A 11 -1.90 -2.42 -5.60
CA VAL A 11 -1.16 -3.52 -6.19
C VAL A 11 0.11 -3.84 -5.39
N LEU A 12 0.85 -2.82 -4.95
CA LEU A 12 1.98 -3.03 -4.08
C LEU A 12 1.57 -3.69 -2.77
N SER A 13 0.36 -3.40 -2.31
CA SER A 13 -0.14 -3.99 -1.08
C SER A 13 -0.26 -5.51 -1.23
N ASP A 14 -0.56 -5.95 -2.45
CA ASP A 14 -0.60 -7.37 -2.77
C ASP A 14 0.81 -7.96 -2.67
N ILE A 15 1.77 -7.23 -3.24
CA ILE A 15 3.17 -7.59 -3.16
C ILE A 15 3.61 -7.69 -1.71
N ILE A 16 3.24 -6.70 -0.92
CA ILE A 16 3.54 -6.69 0.49
C ILE A 16 2.98 -7.93 1.17
N GLN A 17 1.68 -8.06 1.07
CA GLN A 17 0.91 -9.09 1.74
C GLN A 17 1.50 -10.50 1.58
N LYS A 18 1.65 -10.95 0.34
CA LYS A 18 2.10 -12.33 0.09
C LYS A 18 3.61 -12.44 0.04
N TYR A 19 4.25 -11.46 -0.57
CA TYR A 19 5.59 -11.64 -1.10
C TYR A 19 6.67 -11.11 -0.15
N PHE A 20 6.44 -9.95 0.43
CA PHE A 20 7.44 -9.31 1.25
C PHE A 20 7.10 -9.41 2.73
N PHE A 21 5.93 -8.91 3.09
CA PHE A 21 5.37 -9.01 4.43
C PHE A 21 6.38 -8.66 5.54
N SER A 22 7.10 -7.58 5.34
CA SER A 22 7.87 -6.98 6.43
C SER A 22 6.98 -5.97 7.16
N PRO A 23 7.13 -5.85 8.50
CA PRO A 23 6.27 -5.00 9.32
C PRO A 23 6.30 -3.53 8.93
N THR A 24 7.37 -3.11 8.27
CA THR A 24 7.54 -1.71 7.92
C THR A 24 6.55 -1.29 6.82
N LEU A 25 6.15 -2.23 5.97
CA LEU A 25 5.27 -1.89 4.86
C LEU A 25 3.87 -1.61 5.37
N PHE A 26 3.51 -2.31 6.44
CA PHE A 26 2.20 -2.18 7.03
C PHE A 26 2.03 -0.81 7.68
N ARG A 27 3.15 -0.19 8.03
CA ARG A 27 3.13 1.19 8.49
C ARG A 27 2.69 2.07 7.35
N VAL A 28 3.36 1.87 6.22
CA VAL A 28 3.09 2.58 5.00
C VAL A 28 1.67 2.33 4.50
N ILE A 29 1.15 1.12 4.76
CA ILE A 29 -0.20 0.76 4.38
C ILE A 29 -1.20 1.47 5.27
N ARG A 30 -0.83 1.60 6.54
CA ARG A 30 -1.66 2.29 7.49
C ARG A 30 -1.70 3.78 7.20
N LEU A 31 -0.67 4.26 6.51
CA LEU A 31 -0.62 5.62 6.04
C LEU A 31 -1.31 5.73 4.69
N ALA A 32 -1.45 4.58 4.04
CA ALA A 32 -1.96 4.50 2.68
C ALA A 32 -3.47 4.40 2.65
N ARG A 33 -4.03 3.52 3.47
CA ARG A 33 -5.46 3.31 3.51
C ARG A 33 -6.20 4.56 3.98
N ILE A 34 -5.49 5.43 4.69
CA ILE A 34 -6.03 6.71 5.09
C ILE A 34 -6.40 7.54 3.86
N GLY A 35 -7.66 7.96 3.80
CA GLY A 35 -8.14 8.72 2.66
C GLY A 35 -7.43 10.06 2.51
N ARG A 36 -6.46 10.11 1.61
CA ARG A 36 -5.72 11.33 1.34
C ARG A 36 -6.00 11.82 -0.07
N ILE A 37 -7.10 11.37 -0.63
CA ILE A 37 -7.47 11.74 -1.99
C ILE A 37 -8.61 12.74 -1.96
N VAL A 1 -0.32 11.41 -12.60
CA VAL A 1 -0.25 9.99 -12.19
C VAL A 1 -0.95 9.75 -10.85
N VAL A 2 -1.90 10.62 -10.50
CA VAL A 2 -2.63 10.49 -9.25
C VAL A 2 -3.39 9.18 -9.20
N VAL A 3 -4.25 8.96 -10.18
CA VAL A 3 -5.05 7.74 -10.25
C VAL A 3 -4.15 6.55 -10.57
N ILE A 4 -3.08 6.81 -11.31
CA ILE A 4 -2.08 5.78 -11.59
C ILE A 4 -1.55 5.20 -10.29
N LEU A 5 -1.15 6.08 -9.37
CA LEU A 5 -0.61 5.65 -8.10
C LEU A 5 -1.70 5.09 -7.19
N SER A 6 -2.95 5.47 -7.46
CA SER A 6 -4.07 4.88 -6.75
C SER A 6 -4.11 3.38 -7.02
N ILE A 7 -3.95 3.02 -8.29
CA ILE A 7 -3.90 1.63 -8.69
C ILE A 7 -2.61 0.98 -8.17
N VAL A 8 -1.52 1.73 -8.20
CA VAL A 8 -0.25 1.26 -7.70
C VAL A 8 -0.35 0.87 -6.22
N GLY A 9 -0.99 1.72 -5.44
CA GLY A 9 -1.19 1.42 -4.03
C GLY A 9 -2.07 0.22 -3.81
N THR A 10 -2.87 -0.13 -4.81
CA THR A 10 -3.76 -1.27 -4.72
C THR A 10 -3.05 -2.56 -5.08
N VAL A 11 -2.16 -2.50 -6.06
CA VAL A 11 -1.47 -3.67 -6.53
C VAL A 11 -0.26 -4.01 -5.65
N LEU A 12 0.59 -3.02 -5.34
CA LEU A 12 1.73 -3.22 -4.47
C LEU A 12 1.32 -3.78 -3.11
N SER A 13 0.17 -3.37 -2.60
CA SER A 13 -0.28 -3.81 -1.28
C SER A 13 -0.61 -5.31 -1.27
N ASP A 14 -0.93 -5.86 -2.44
CA ASP A 14 -1.13 -7.30 -2.56
C ASP A 14 0.22 -8.01 -2.54
N ILE A 15 1.19 -7.41 -3.25
CA ILE A 15 2.55 -7.87 -3.24
C ILE A 15 3.11 -7.84 -1.82
N ILE A 16 2.82 -6.75 -1.12
CA ILE A 16 3.26 -6.55 0.24
C ILE A 16 2.62 -7.56 1.17
N GLN A 17 1.39 -7.91 0.87
CA GLN A 17 0.64 -8.82 1.68
C GLN A 17 1.27 -10.21 1.65
N LYS A 18 1.76 -10.60 0.48
CA LYS A 18 2.33 -11.93 0.31
C LYS A 18 3.83 -11.94 0.56
N TYR A 19 4.57 -11.11 -0.17
CA TYR A 19 6.02 -11.18 -0.18
C TYR A 19 6.67 -10.15 0.74
N PHE A 20 6.15 -8.93 0.70
CA PHE A 20 6.85 -7.78 1.27
C PHE A 20 6.33 -7.43 2.67
N PHE A 21 5.75 -8.42 3.35
CA PHE A 21 5.11 -8.20 4.64
C PHE A 21 6.14 -7.96 5.77
N SER A 22 6.94 -6.93 5.63
CA SER A 22 7.82 -6.51 6.70
C SER A 22 7.07 -5.54 7.62
N PRO A 23 7.15 -5.73 8.96
CA PRO A 23 6.31 -4.99 9.91
C PRO A 23 6.39 -3.48 9.72
N THR A 24 7.60 -2.95 9.70
CA THR A 24 7.82 -1.52 9.57
C THR A 24 7.37 -1.00 8.19
N LEU A 25 7.28 -1.92 7.24
CA LEU A 25 6.80 -1.60 5.91
C LEU A 25 5.28 -1.65 5.91
N PHE A 26 4.73 -2.65 6.56
CA PHE A 26 3.28 -2.79 6.69
C PHE A 26 2.72 -1.60 7.47
N ARG A 27 3.54 -1.04 8.34
CA ARG A 27 3.28 0.22 9.00
C ARG A 27 2.89 1.30 7.99
N VAL A 28 3.72 1.46 6.97
CA VAL A 28 3.47 2.38 5.88
C VAL A 28 2.16 2.05 5.17
N ILE A 29 1.80 0.77 5.11
CA ILE A 29 0.55 0.36 4.54
C ILE A 29 -0.58 0.79 5.44
N ARG A 30 -0.37 0.65 6.73
CA ARG A 30 -1.36 1.04 7.73
C ARG A 30 -1.68 2.53 7.57
N LEU A 31 -0.70 3.28 7.08
CA LEU A 31 -0.84 4.68 6.81
C LEU A 31 -1.41 4.89 5.41
N ALA A 32 -1.07 3.97 4.52
CA ALA A 32 -1.41 4.06 3.12
C ALA A 32 -2.88 3.74 2.85
N ARG A 33 -3.42 2.78 3.60
CA ARG A 33 -4.80 2.37 3.45
C ARG A 33 -5.75 3.54 3.68
N ILE A 34 -5.31 4.48 4.52
CA ILE A 34 -6.08 5.66 4.82
C ILE A 34 -6.10 6.58 3.60
N GLY A 35 -7.30 6.95 3.17
CA GLY A 35 -7.44 7.81 2.02
C GLY A 35 -7.20 9.27 2.34
N ARG A 36 -6.07 9.53 3.00
CA ARG A 36 -5.68 10.90 3.39
C ARG A 36 -6.74 11.56 4.25
N ILE A 37 -7.44 10.76 5.05
CA ILE A 37 -8.48 11.27 5.93
C ILE A 37 -7.92 11.55 7.32
N VAL A 1 -0.95 15.52 -12.26
CA VAL A 1 -0.85 14.32 -11.40
C VAL A 1 -1.56 13.14 -12.06
N VAL A 2 -1.21 11.94 -11.65
CA VAL A 2 -1.80 10.74 -12.21
C VAL A 2 -2.57 9.97 -11.13
N VAL A 3 -3.81 9.63 -11.43
CA VAL A 3 -4.70 8.99 -10.46
C VAL A 3 -4.46 7.47 -10.43
N ILE A 4 -3.83 6.96 -11.47
CA ILE A 4 -3.57 5.52 -11.60
C ILE A 4 -2.77 4.98 -10.40
N LEU A 5 -2.08 5.87 -9.70
CA LEU A 5 -1.25 5.48 -8.58
C LEU A 5 -2.10 4.95 -7.41
N SER A 6 -3.38 5.27 -7.41
CA SER A 6 -4.30 4.71 -6.42
C SER A 6 -4.36 3.20 -6.56
N ILE A 7 -4.43 2.74 -7.81
CA ILE A 7 -4.42 1.33 -8.12
C ILE A 7 -3.04 0.75 -7.85
N VAL A 8 -2.01 1.53 -8.17
CA VAL A 8 -0.64 1.16 -7.90
C VAL A 8 -0.44 0.89 -6.41
N GLY A 9 -0.92 1.81 -5.58
CA GLY A 9 -0.82 1.62 -4.14
C GLY A 9 -1.52 0.36 -3.67
N THR A 10 -2.51 -0.07 -4.44
CA THR A 10 -3.27 -1.27 -4.11
C THR A 10 -2.49 -2.53 -4.48
N VAL A 11 -1.91 -2.54 -5.67
CA VAL A 11 -1.20 -3.71 -6.16
C VAL A 11 0.17 -3.85 -5.48
N LEU A 12 0.87 -2.74 -5.28
CA LEU A 12 2.09 -2.74 -4.48
C LEU A 12 1.82 -3.26 -3.06
N SER A 13 0.62 -3.02 -2.57
CA SER A 13 0.21 -3.54 -1.27
C SER A 13 0.10 -5.05 -1.32
N ASP A 14 -0.34 -5.57 -2.46
CA ASP A 14 -0.43 -7.01 -2.66
C ASP A 14 0.97 -7.62 -2.67
N ILE A 15 1.89 -6.94 -3.35
CA ILE A 15 3.29 -7.30 -3.36
C ILE A 15 3.82 -7.42 -1.94
N ILE A 16 3.45 -6.44 -1.12
CA ILE A 16 3.84 -6.43 0.28
C ILE A 16 3.44 -7.71 0.97
N GLN A 17 2.15 -7.96 0.99
CA GLN A 17 1.58 -9.07 1.72
C GLN A 17 2.02 -10.42 1.15
N LYS A 18 2.31 -10.45 -0.13
CA LYS A 18 2.66 -11.70 -0.80
C LYS A 18 4.14 -12.02 -0.64
N TYR A 19 5.00 -11.05 -0.89
CA TYR A 19 6.43 -11.29 -0.89
C TYR A 19 7.06 -10.96 0.47
N PHE A 20 6.64 -9.87 1.09
CA PHE A 20 7.25 -9.41 2.33
C PHE A 20 6.45 -9.85 3.55
N PHE A 21 5.25 -9.32 3.68
CA PHE A 21 4.40 -9.48 4.84
C PHE A 21 5.19 -9.27 6.14
N SER A 22 6.13 -8.34 6.09
CA SER A 22 6.83 -7.92 7.28
C SER A 22 6.05 -6.77 7.94
N PRO A 23 6.10 -6.68 9.28
CA PRO A 23 5.32 -5.68 10.04
C PRO A 23 5.67 -4.24 9.68
N THR A 24 6.81 -4.05 9.03
CA THR A 24 7.30 -2.72 8.72
C THR A 24 6.61 -2.13 7.48
N LEU A 25 6.11 -2.98 6.59
CA LEU A 25 5.44 -2.49 5.39
C LEU A 25 4.07 -1.96 5.75
N PHE A 26 3.50 -2.55 6.78
CA PHE A 26 2.20 -2.19 7.25
C PHE A 26 2.21 -0.79 7.84
N ARG A 27 3.40 -0.31 8.18
CA ARG A 27 3.57 1.04 8.63
C ARG A 27 3.35 2.01 7.47
N VAL A 28 3.88 1.65 6.32
CA VAL A 28 3.66 2.38 5.09
C VAL A 28 2.20 2.29 4.67
N ILE A 29 1.55 1.17 4.98
CA ILE A 29 0.15 0.98 4.67
C ILE A 29 -0.69 1.84 5.60
N ARG A 30 -0.23 1.96 6.83
CA ARG A 30 -0.88 2.82 7.80
C ARG A 30 -0.86 4.28 7.32
N LEU A 31 0.15 4.60 6.52
CA LEU A 31 0.30 5.89 5.91
C LEU A 31 -0.46 5.94 4.59
N ALA A 32 -0.73 4.77 4.04
CA ALA A 32 -1.28 4.63 2.70
C ALA A 32 -2.80 4.66 2.69
N ARG A 33 -3.42 4.01 3.67
CA ARG A 33 -4.86 3.93 3.75
C ARG A 33 -5.48 5.26 4.15
N ILE A 34 -4.64 6.18 4.60
CA ILE A 34 -5.08 7.49 5.00
C ILE A 34 -5.54 8.32 3.80
N GLY A 35 -6.73 8.89 3.93
CA GLY A 35 -7.29 9.69 2.85
C GLY A 35 -6.62 11.04 2.70
N ARG A 36 -6.04 11.55 3.79
CA ARG A 36 -5.39 12.85 3.78
C ARG A 36 -3.88 12.69 3.77
N ILE A 37 -3.32 12.40 2.61
CA ILE A 37 -1.88 12.28 2.47
C ILE A 37 -1.28 13.59 1.96
N VAL A 1 -2.40 10.85 -13.67
CA VAL A 1 -1.25 10.46 -12.82
C VAL A 1 -1.68 10.28 -11.36
N VAL A 2 -2.97 10.47 -11.08
CA VAL A 2 -3.48 10.37 -9.72
C VAL A 2 -3.99 8.96 -9.43
N VAL A 3 -4.97 8.52 -10.21
CA VAL A 3 -5.59 7.22 -10.00
C VAL A 3 -4.59 6.08 -10.21
N ILE A 4 -3.68 6.27 -11.15
CA ILE A 4 -2.68 5.25 -11.45
C ILE A 4 -1.83 4.94 -10.22
N LEU A 5 -1.56 5.95 -9.41
CA LEU A 5 -0.76 5.75 -8.20
C LEU A 5 -1.61 5.14 -7.09
N SER A 6 -2.93 5.35 -7.17
CA SER A 6 -3.84 4.64 -6.30
C SER A 6 -3.80 3.15 -6.64
N ILE A 7 -3.71 2.87 -7.94
CA ILE A 7 -3.52 1.51 -8.42
C ILE A 7 -2.17 0.97 -7.93
N VAL A 8 -1.14 1.82 -8.03
CA VAL A 8 0.18 1.46 -7.55
C VAL A 8 0.14 1.06 -6.08
N GLY A 9 -0.56 1.86 -5.27
CA GLY A 9 -0.69 1.56 -3.87
C GLY A 9 -1.45 0.27 -3.63
N THR A 10 -2.26 -0.13 -4.61
CA THR A 10 -3.06 -1.34 -4.50
C THR A 10 -2.22 -2.57 -4.89
N VAL A 11 -1.55 -2.48 -6.02
CA VAL A 11 -0.78 -3.60 -6.54
C VAL A 11 0.43 -3.92 -5.64
N LEU A 12 1.22 -2.91 -5.28
CA LEU A 12 2.30 -3.08 -4.33
C LEU A 12 1.79 -3.65 -3.01
N SER A 13 0.61 -3.23 -2.60
CA SER A 13 0.01 -3.71 -1.36
C SER A 13 -0.27 -5.21 -1.44
N ASP A 14 -0.67 -5.66 -2.62
CA ASP A 14 -0.91 -7.08 -2.84
C ASP A 14 0.40 -7.84 -2.70
N ILE A 15 1.47 -7.28 -3.24
CA ILE A 15 2.80 -7.80 -3.08
C ILE A 15 3.17 -7.88 -1.60
N ILE A 16 2.85 -6.82 -0.87
CA ILE A 16 3.16 -6.73 0.54
C ILE A 16 2.44 -7.78 1.36
N GLN A 17 1.14 -7.81 1.22
CA GLN A 17 0.30 -8.70 1.98
C GLN A 17 0.63 -10.17 1.70
N LYS A 18 1.18 -10.43 0.53
CA LYS A 18 1.51 -11.78 0.12
C LYS A 18 2.96 -12.13 0.49
N TYR A 19 3.89 -11.30 0.04
CA TYR A 19 5.31 -11.63 0.10
C TYR A 19 6.14 -10.55 0.82
N PHE A 20 5.84 -9.29 0.53
CA PHE A 20 6.64 -8.18 1.04
C PHE A 20 6.20 -7.76 2.44
N PHE A 21 5.60 -8.70 3.18
CA PHE A 21 5.03 -8.46 4.50
C PHE A 21 6.10 -8.08 5.55
N SER A 22 6.93 -7.10 5.22
CA SER A 22 7.88 -6.55 6.16
C SER A 22 7.23 -5.42 6.95
N PRO A 23 7.44 -5.38 8.27
CA PRO A 23 6.76 -4.43 9.17
C PRO A 23 6.98 -2.97 8.81
N THR A 24 8.06 -2.65 8.10
CA THR A 24 8.40 -1.26 7.85
C THR A 24 7.54 -0.62 6.75
N LEU A 25 7.20 -1.35 5.69
CA LEU A 25 6.29 -0.79 4.69
C LEU A 25 4.85 -1.07 5.07
N PHE A 26 4.67 -2.10 5.91
CA PHE A 26 3.34 -2.41 6.42
C PHE A 26 2.86 -1.28 7.31
N ARG A 27 3.84 -0.56 7.88
CA ARG A 27 3.58 0.67 8.59
C ARG A 27 2.71 1.62 7.77
N VAL A 28 3.29 2.03 6.66
CA VAL A 28 2.61 2.86 5.68
C VAL A 28 1.29 2.24 5.20
N ILE A 29 1.22 0.92 5.18
CA ILE A 29 0.03 0.22 4.77
C ILE A 29 -1.04 0.38 5.82
N ARG A 30 -0.62 0.31 7.08
CA ARG A 30 -1.54 0.45 8.19
C ARG A 30 -2.15 1.85 8.19
N LEU A 31 -1.41 2.79 7.60
CA LEU A 31 -1.84 4.15 7.42
C LEU A 31 -2.65 4.28 6.14
N ALA A 32 -2.47 3.31 5.27
CA ALA A 32 -3.06 3.32 3.94
C ALA A 32 -4.46 2.73 3.94
N ARG A 33 -4.69 1.72 4.79
CA ARG A 33 -5.99 1.10 4.92
C ARG A 33 -6.98 2.10 5.52
N ILE A 34 -6.44 3.08 6.24
CA ILE A 34 -7.20 4.16 6.79
C ILE A 34 -7.66 5.09 5.68
N GLY A 35 -8.82 5.70 5.86
CA GLY A 35 -9.31 6.68 4.91
C GLY A 35 -8.51 7.96 4.97
N ARG A 36 -7.28 7.90 4.47
CA ARG A 36 -6.34 9.00 4.57
C ARG A 36 -6.39 9.85 3.31
N ILE A 37 -7.15 10.92 3.37
CA ILE A 37 -7.28 11.83 2.25
C ILE A 37 -6.30 12.98 2.38
N VAL A 1 1.80 14.40 -8.37
CA VAL A 1 1.46 13.08 -7.81
C VAL A 1 1.08 12.10 -8.92
N VAL A 2 1.60 10.88 -8.82
CA VAL A 2 1.29 9.83 -9.77
C VAL A 2 -0.08 9.25 -9.48
N VAL A 3 -1.01 9.44 -10.40
CA VAL A 3 -2.38 8.97 -10.22
C VAL A 3 -2.44 7.45 -10.28
N ILE A 4 -1.57 6.87 -11.09
CA ILE A 4 -1.48 5.42 -11.20
C ILE A 4 -1.12 4.83 -9.85
N LEU A 5 -0.34 5.58 -9.07
CA LEU A 5 0.12 5.16 -7.75
C LEU A 5 -1.06 5.04 -6.78
N SER A 6 -2.14 5.78 -7.07
CA SER A 6 -3.36 5.64 -6.29
C SER A 6 -3.87 4.20 -6.41
N ILE A 7 -3.63 3.61 -7.57
CA ILE A 7 -3.98 2.24 -7.83
C ILE A 7 -2.89 1.29 -7.33
N VAL A 8 -1.63 1.65 -7.59
CA VAL A 8 -0.51 0.78 -7.24
C VAL A 8 -0.48 0.46 -5.75
N GLY A 9 -0.87 1.41 -4.92
CA GLY A 9 -0.86 1.19 -3.48
C GLY A 9 -1.81 0.08 -3.07
N THR A 10 -2.80 -0.20 -3.92
CA THR A 10 -3.75 -1.26 -3.65
C THR A 10 -3.24 -2.60 -4.19
N VAL A 11 -2.68 -2.59 -5.38
CA VAL A 11 -2.21 -3.81 -6.01
C VAL A 11 -0.88 -4.30 -5.42
N LEU A 12 0.06 -3.38 -5.19
CA LEU A 12 1.29 -3.69 -4.49
C LEU A 12 1.00 -4.18 -3.08
N SER A 13 -0.15 -3.80 -2.52
CA SER A 13 -0.57 -4.27 -1.20
C SER A 13 -0.66 -5.79 -1.18
N ASP A 14 -1.08 -6.38 -2.30
CA ASP A 14 -1.13 -7.83 -2.43
C ASP A 14 0.28 -8.41 -2.41
N ILE A 15 1.19 -7.74 -3.11
CA ILE A 15 2.58 -8.10 -3.13
C ILE A 15 3.19 -7.99 -1.73
N ILE A 16 2.80 -6.94 -1.01
CA ILE A 16 3.24 -6.72 0.34
C ILE A 16 2.78 -7.82 1.27
N GLN A 17 1.58 -8.31 1.01
CA GLN A 17 0.98 -9.32 1.83
C GLN A 17 1.69 -10.66 1.62
N LYS A 18 2.13 -10.93 0.41
CA LYS A 18 2.75 -12.20 0.10
C LYS A 18 4.26 -12.18 0.28
N TYR A 19 4.93 -11.28 -0.43
CA TYR A 19 6.38 -11.31 -0.50
C TYR A 19 7.03 -10.20 0.32
N PHE A 20 6.44 -9.02 0.24
CA PHE A 20 7.01 -7.82 0.83
C PHE A 20 6.56 -7.64 2.28
N PHE A 21 6.23 -8.74 2.94
CA PHE A 21 5.62 -8.72 4.27
C PHE A 21 6.60 -8.25 5.38
N SER A 22 7.30 -7.17 5.12
CA SER A 22 8.04 -6.48 6.16
C SER A 22 7.13 -5.43 6.81
N PRO A 23 7.17 -5.30 8.15
CA PRO A 23 6.34 -4.34 8.89
C PRO A 23 6.48 -2.90 8.37
N THR A 24 7.61 -2.61 7.74
CA THR A 24 7.87 -1.27 7.24
C THR A 24 6.91 -0.88 6.10
N LEU A 25 6.32 -1.88 5.43
CA LEU A 25 5.34 -1.60 4.38
C LEU A 25 3.97 -1.43 5.00
N PHE A 26 3.70 -2.24 6.01
CA PHE A 26 2.45 -2.20 6.71
C PHE A 26 2.29 -0.88 7.43
N ARG A 27 3.42 -0.25 7.74
CA ARG A 27 3.45 1.13 8.17
C ARG A 27 2.70 2.03 7.19
N VAL A 28 3.16 2.03 5.95
CA VAL A 28 2.55 2.81 4.89
C VAL A 28 1.14 2.34 4.58
N ILE A 29 0.89 1.04 4.71
CA ILE A 29 -0.41 0.49 4.45
C ILE A 29 -1.38 0.91 5.53
N ARG A 30 -0.87 0.99 6.74
CA ARG A 30 -1.66 1.43 7.88
C ARG A 30 -2.13 2.86 7.65
N LEU A 31 -1.34 3.60 6.86
CA LEU A 31 -1.64 4.94 6.47
C LEU A 31 -2.50 4.94 5.20
N ALA A 32 -2.36 3.88 4.42
CA ALA A 32 -2.92 3.80 3.09
C ALA A 32 -4.36 3.29 3.08
N ARG A 33 -4.68 2.35 3.96
CA ARG A 33 -6.01 1.81 4.03
C ARG A 33 -6.99 2.86 4.53
N ILE A 34 -6.46 3.90 5.15
CA ILE A 34 -7.24 5.00 5.64
C ILE A 34 -7.90 5.76 4.49
N GLY A 35 -9.18 5.47 4.25
CA GLY A 35 -9.90 6.14 3.20
C GLY A 35 -10.59 7.38 3.72
N ARG A 36 -10.16 8.54 3.26
CA ARG A 36 -10.72 9.80 3.71
C ARG A 36 -11.91 10.19 2.84
N ILE A 37 -12.92 9.34 2.82
CA ILE A 37 -14.13 9.60 2.06
C ILE A 37 -14.95 10.68 2.77
N VAL A 1 -2.89 15.03 -9.71
CA VAL A 1 -3.61 13.80 -10.09
C VAL A 1 -2.64 12.63 -10.15
N VAL A 2 -2.77 11.70 -9.23
CA VAL A 2 -1.90 10.53 -9.17
C VAL A 2 -2.72 9.24 -9.14
N VAL A 3 -3.71 9.17 -10.03
CA VAL A 3 -4.63 8.04 -10.08
C VAL A 3 -3.88 6.72 -10.27
N ILE A 4 -2.91 6.71 -11.18
CA ILE A 4 -2.15 5.50 -11.47
C ILE A 4 -1.39 5.04 -10.23
N LEU A 5 -0.89 5.97 -9.41
CA LEU A 5 -0.15 5.62 -8.21
C LEU A 5 -1.11 5.14 -7.12
N SER A 6 -2.34 5.63 -7.17
CA SER A 6 -3.37 5.15 -6.26
C SER A 6 -3.64 3.68 -6.54
N ILE A 7 -3.57 3.31 -7.82
CA ILE A 7 -3.68 1.92 -8.22
C ILE A 7 -2.43 1.16 -7.80
N VAL A 8 -1.27 1.81 -7.95
CA VAL A 8 0.00 1.23 -7.56
C VAL A 8 -0.01 0.84 -6.08
N GLY A 9 -0.53 1.73 -5.24
CA GLY A 9 -0.61 1.45 -3.82
C GLY A 9 -1.51 0.27 -3.52
N THR A 10 -2.41 -0.05 -4.44
CA THR A 10 -3.33 -1.15 -4.25
C THR A 10 -2.69 -2.48 -4.65
N VAL A 11 -2.03 -2.47 -5.81
CA VAL A 11 -1.44 -3.67 -6.35
C VAL A 11 -0.20 -4.11 -5.56
N LEU A 12 0.70 -3.17 -5.24
CA LEU A 12 1.83 -3.45 -4.38
C LEU A 12 1.40 -3.96 -3.02
N SER A 13 0.21 -3.55 -2.58
CA SER A 13 -0.30 -3.96 -1.28
C SER A 13 -0.49 -5.48 -1.23
N ASP A 14 -0.88 -6.07 -2.35
CA ASP A 14 -1.02 -7.52 -2.43
C ASP A 14 0.35 -8.18 -2.34
N ILE A 15 1.32 -7.59 -3.04
CA ILE A 15 2.69 -8.02 -2.97
C ILE A 15 3.18 -8.00 -1.53
N ILE A 16 2.84 -6.94 -0.81
CA ILE A 16 3.21 -6.80 0.58
C ILE A 16 2.66 -7.93 1.43
N GLN A 17 1.36 -8.08 1.37
CA GLN A 17 0.64 -9.04 2.17
C GLN A 17 1.03 -10.47 1.84
N LYS A 18 1.45 -10.70 0.60
CA LYS A 18 1.81 -12.04 0.15
C LYS A 18 3.29 -12.32 0.36
N TYR A 19 4.14 -11.43 -0.13
CA TYR A 19 5.56 -11.71 -0.23
C TYR A 19 6.44 -10.63 0.43
N PHE A 20 6.10 -9.36 0.21
CA PHE A 20 6.92 -8.24 0.68
C PHE A 20 6.59 -7.88 2.12
N PHE A 21 6.13 -8.87 2.87
CA PHE A 21 5.63 -8.73 4.24
C PHE A 21 6.71 -8.27 5.24
N SER A 22 7.41 -7.20 4.91
CA SER A 22 8.33 -6.56 5.84
C SER A 22 7.56 -5.54 6.68
N PRO A 23 7.97 -5.34 7.95
CA PRO A 23 7.24 -4.50 8.90
C PRO A 23 7.15 -3.03 8.47
N THR A 24 8.03 -2.62 7.56
CA THR A 24 8.10 -1.23 7.16
C THR A 24 6.96 -0.83 6.22
N LEU A 25 6.41 -1.79 5.49
CA LEU A 25 5.32 -1.48 4.57
C LEU A 25 4.02 -1.33 5.33
N PHE A 26 3.97 -2.00 6.47
CA PHE A 26 2.82 -1.97 7.31
C PHE A 26 2.59 -0.59 7.88
N ARG A 27 3.64 0.22 7.86
CA ARG A 27 3.52 1.64 8.13
C ARG A 27 2.49 2.26 7.21
N VAL A 28 2.81 2.19 5.93
CA VAL A 28 1.97 2.74 4.90
C VAL A 28 0.61 2.04 4.82
N ILE A 29 0.59 0.73 5.09
CA ILE A 29 -0.63 -0.04 5.01
C ILE A 29 -1.52 0.28 6.20
N ARG A 30 -0.89 0.51 7.34
CA ARG A 30 -1.62 0.91 8.53
C ARG A 30 -2.34 2.22 8.26
N LEU A 31 -1.68 3.07 7.48
CA LEU A 31 -2.20 4.36 7.12
C LEU A 31 -3.23 4.21 6.01
N ALA A 32 -3.00 3.20 5.19
CA ALA A 32 -3.83 2.91 4.05
C ALA A 32 -5.22 2.44 4.45
N ARG A 33 -5.28 1.61 5.50
CA ARG A 33 -6.54 1.10 5.99
C ARG A 33 -7.24 2.08 6.93
N ILE A 34 -6.57 3.18 7.27
CA ILE A 34 -7.14 4.19 8.12
C ILE A 34 -8.38 4.83 7.50
N GLY A 35 -9.49 4.77 8.22
CA GLY A 35 -10.69 5.46 7.80
C GLY A 35 -10.80 6.82 8.47
N ARG A 36 -9.95 7.01 9.47
CA ARG A 36 -9.86 8.26 10.21
C ARG A 36 -11.19 8.61 10.85
N ILE A 37 -11.54 7.89 11.90
CA ILE A 37 -12.78 8.12 12.62
C ILE A 37 -12.62 9.35 13.51
#